data_8WCP
#
_entry.id   8WCP
#
loop_
_entity.id
_entity.type
_entity.pdbx_description
1 polymer 'P301L Tau amyloid fibril from rTg4510 mice'
2 polymer 'Island B'
3 polymer 'Island A'
#
loop_
_entity_poly.entity_id
_entity_poly.type
_entity_poly.pdbx_seq_one_letter_code
_entity_poly.pdbx_strand_id
1 'polypeptide(L)'
;MAEPRQEFEVMEDHAGTYGLGDRKDQGGYTMHQDQEGDTDAGLKAEEAGIGDTPSLEDEAAGHVTQARMVSKSKDGTGSD
DKKAKGADGKTKIATPRGAAPPGQKGQANATRIPAKTPPAPKTPPSSGEPPKSGDRSGYSSPGSPGTPGSRSRTPSLPTP
PTREPKKVAVVRTPPKSPSSAKSRLQTAPVPMPDLKNVKSKIGSTENLKHQPGGGKVQIINKKLDLSNVQSKCGSKDNIK
HVLGGGSVQIVYKPVDLSKVTSKCGSLGNIHHKPGGGQVEVKSEKLDFKDRVQSKIGSLDNITHVPGGGNKKIETHKLTF
RENAKAKTDHGAEIVYKSPVVSGDTSPRHLSNVSSTGSIDMVDSPQLATLADEVSASLAKQGL
;
A,B,C
2 'polypeptide(L)' (UNK)(UNK)(UNK)(UNK)(UNK)(UNK)(UNK)(UNK)(UNK)(UNK) D,E,F
3 'polypeptide(L)' (UNK)(UNK)(UNK)(UNK)(UNK)(UNK)(UNK)(UNK)(UNK) H,G,I
#
# COMPACT_ATOMS: atom_id res chain seq x y z
N LYS A 216 -28.19 -12.53 29.06
CA LYS A 216 -29.38 -12.25 28.26
C LYS A 216 -29.27 -10.91 27.55
N VAL A 217 -29.41 -10.91 26.22
CA VAL A 217 -29.42 -9.68 25.45
C VAL A 217 -30.65 -9.68 24.57
N GLN A 218 -31.15 -8.49 24.27
CA GLN A 218 -32.33 -8.34 23.40
C GLN A 218 -32.13 -7.09 22.57
N ILE A 219 -31.96 -7.27 21.26
CA ILE A 219 -31.70 -6.17 20.34
C ILE A 219 -32.76 -6.17 19.26
N ILE A 220 -33.09 -4.99 18.76
CA ILE A 220 -34.09 -4.82 17.71
C ILE A 220 -33.56 -3.76 16.74
N ASN A 221 -33.15 -4.20 15.56
CA ASN A 221 -32.61 -3.31 14.52
C ASN A 221 -33.68 -3.17 13.44
N LYS A 222 -34.42 -2.07 13.49
CA LYS A 222 -35.49 -1.82 12.54
C LYS A 222 -35.21 -0.54 11.76
N LYS A 223 -35.51 -0.59 10.46
CA LYS A 223 -35.34 0.54 9.56
C LYS A 223 -33.98 1.21 9.61
N LEU A 224 -32.96 0.43 9.26
CA LEU A 224 -31.59 0.93 9.23
C LEU A 224 -31.24 1.21 7.78
N ASP A 225 -30.20 2.01 7.56
CA ASP A 225 -29.78 2.37 6.22
C ASP A 225 -28.26 2.37 6.13
N LEU A 226 -27.74 1.49 5.29
CA LEU A 226 -26.32 1.37 4.99
C LEU A 226 -26.40 1.18 3.48
N SER A 227 -26.32 2.28 2.74
CA SER A 227 -26.52 2.21 1.30
C SER A 227 -25.40 2.95 0.59
N ASN A 228 -24.76 2.27 -0.36
CA ASN A 228 -23.71 2.89 -1.16
C ASN A 228 -24.27 3.31 -2.51
N VAL A 229 -24.06 4.57 -2.88
CA VAL A 229 -24.43 5.09 -4.18
C VAL A 229 -23.27 5.94 -4.67
N GLN A 230 -22.65 5.52 -5.78
CA GLN A 230 -21.52 6.24 -6.35
C GLN A 230 -21.75 6.49 -7.83
N SER A 231 -21.15 7.55 -8.34
CA SER A 231 -21.28 7.88 -9.76
C SER A 231 -20.00 7.59 -10.54
N LYS A 232 -18.90 8.24 -10.17
CA LYS A 232 -17.62 8.05 -10.87
C LYS A 232 -16.53 8.07 -9.81
N CYS A 233 -16.18 6.91 -9.28
CA CYS A 233 -15.30 6.88 -8.12
C CYS A 233 -14.38 5.67 -8.22
N GLY A 234 -13.08 5.92 -8.27
CA GLY A 234 -12.09 4.87 -8.11
C GLY A 234 -11.69 4.77 -6.64
N SER A 235 -11.55 3.54 -6.16
CA SER A 235 -11.32 3.33 -4.75
C SER A 235 -10.45 2.09 -4.53
N LYS A 236 -9.86 2.03 -3.33
CA LYS A 236 -9.17 0.85 -2.82
C LYS A 236 -9.58 0.75 -1.35
N ASP A 237 -10.65 0.02 -1.09
CA ASP A 237 -11.26 0.02 0.23
C ASP A 237 -11.37 -1.40 0.74
N ASN A 238 -10.82 -1.66 1.93
CA ASN A 238 -10.74 -3.03 2.40
C ASN A 238 -12.04 -3.51 3.01
N ILE A 239 -12.48 -2.88 4.10
CA ILE A 239 -13.68 -3.29 4.81
C ILE A 239 -14.67 -2.13 4.73
N LYS A 240 -15.57 -2.20 3.75
CA LYS A 240 -16.34 -1.02 3.35
C LYS A 240 -17.68 -0.90 4.09
N HIS A 241 -18.56 -1.88 3.91
CA HIS A 241 -19.90 -1.83 4.49
C HIS A 241 -20.16 -3.13 5.22
N VAL A 242 -20.20 -3.07 6.55
CA VAL A 242 -20.38 -4.25 7.38
C VAL A 242 -21.44 -3.94 8.42
N LEU A 243 -22.42 -4.83 8.53
CA LEU A 243 -23.50 -4.70 9.49
C LEU A 243 -23.63 -5.98 10.28
N GLY A 244 -23.59 -5.87 11.60
CA GLY A 244 -23.69 -7.02 12.50
C GLY A 244 -24.95 -6.91 13.35
N GLY A 245 -25.61 -8.04 13.53
CA GLY A 245 -26.81 -8.06 14.33
C GLY A 245 -26.59 -7.66 15.77
N GLY A 246 -25.56 -8.23 16.41
CA GLY A 246 -25.34 -7.98 17.82
C GLY A 246 -23.93 -7.55 18.18
N SER A 247 -22.97 -7.77 17.27
CA SER A 247 -21.59 -7.41 17.56
C SER A 247 -20.80 -7.43 16.26
N VAL A 248 -19.78 -6.58 16.20
CA VAL A 248 -18.87 -6.51 15.06
C VAL A 248 -17.44 -6.40 15.55
N GLN A 249 -16.68 -7.48 15.46
CA GLN A 249 -15.27 -7.46 15.80
C GLN A 249 -14.43 -7.40 14.54
N ILE A 250 -13.40 -6.56 14.54
CA ILE A 250 -12.52 -6.38 13.40
C ILE A 250 -11.08 -6.34 13.90
N VAL A 251 -10.26 -7.24 13.40
CA VAL A 251 -8.83 -7.28 13.71
C VAL A 251 -8.10 -7.02 12.42
N TYR A 252 -7.42 -5.87 12.33
CA TYR A 252 -6.79 -5.40 11.11
C TYR A 252 -5.28 -5.30 11.37
N LYS A 253 -4.56 -6.37 11.05
CA LYS A 253 -3.12 -6.46 11.34
C LYS A 253 -2.34 -6.87 10.10
N PRO A 254 -2.29 -6.02 9.08
CA PRO A 254 -1.50 -6.35 7.89
C PRO A 254 -0.02 -6.08 8.11
N VAL A 255 0.79 -7.10 7.84
CA VAL A 255 2.23 -6.95 7.88
C VAL A 255 2.72 -6.57 6.48
N ASP A 256 3.90 -5.96 6.42
CA ASP A 256 4.42 -5.47 5.15
C ASP A 256 5.94 -5.45 5.22
N LEU A 257 6.59 -6.30 4.43
CA LEU A 257 8.05 -6.28 4.27
C LEU A 257 8.35 -6.23 2.79
N SER A 258 8.31 -5.04 2.21
CA SER A 258 8.51 -4.86 0.79
C SER A 258 9.78 -4.06 0.52
N LYS A 259 10.31 -4.21 -0.68
CA LYS A 259 11.55 -3.55 -1.06
C LYS A 259 11.42 -3.00 -2.47
N VAL A 260 11.90 -1.78 -2.68
CA VAL A 260 12.03 -1.20 -4.00
C VAL A 260 13.47 -0.70 -4.11
N THR A 261 14.35 -1.57 -4.60
CA THR A 261 15.75 -1.23 -4.67
C THR A 261 16.30 -1.05 -6.06
N SER A 262 17.37 -0.28 -6.13
CA SER A 262 18.07 -0.02 -7.38
C SER A 262 19.57 0.08 -7.09
N LYS A 263 20.36 -0.75 -7.76
CA LYS A 263 21.79 -0.84 -7.49
C LYS A 263 22.55 -0.72 -8.80
N CYS A 264 23.39 0.31 -8.89
CA CYS A 264 24.29 0.48 -10.02
C CYS A 264 25.70 0.64 -9.50
N GLY A 265 26.65 -0.09 -10.09
CA GLY A 265 28.05 0.05 -9.75
C GLY A 265 28.77 0.80 -10.86
N SER A 266 29.41 1.90 -10.48
CA SER A 266 30.25 2.70 -11.38
C SER A 266 29.46 3.19 -12.59
N LEU A 267 28.51 4.07 -12.32
CA LEU A 267 27.82 4.81 -13.36
C LEU A 267 28.71 5.93 -13.88
N GLY A 268 28.59 6.21 -15.18
CA GLY A 268 29.39 7.26 -15.77
C GLY A 268 28.66 8.03 -16.85
N ASN A 269 28.66 9.35 -16.74
CA ASN A 269 27.99 10.22 -17.69
C ASN A 269 28.99 11.24 -18.19
N ILE A 270 29.08 11.39 -19.52
CA ILE A 270 30.09 12.25 -20.15
C ILE A 270 29.43 13.01 -21.28
N HIS A 271 29.66 14.32 -21.33
CA HIS A 271 29.22 15.12 -22.46
C HIS A 271 30.30 15.12 -23.55
N UNK B 1 42.20 10.03 -19.93
CA UNK B 1 41.22 10.94 -19.37
C UNK B 1 40.46 10.30 -18.21
N UNK B 2 39.13 10.34 -18.27
CA UNK B 2 38.31 9.89 -17.16
C UNK B 2 38.42 8.38 -16.98
N UNK B 3 38.26 7.94 -15.73
CA UNK B 3 38.28 6.51 -15.41
C UNK B 3 37.57 6.31 -14.08
N UNK B 4 36.38 5.73 -14.13
CA UNK B 4 35.60 5.42 -12.93
C UNK B 4 35.76 3.94 -12.59
N UNK B 5 35.82 3.62 -11.31
CA UNK B 5 36.03 2.24 -10.89
C UNK B 5 35.16 1.93 -9.67
N UNK B 6 35.15 0.65 -9.31
CA UNK B 6 34.49 0.16 -8.11
C UNK B 6 34.93 -1.28 -7.92
N UNK B 7 35.24 -1.66 -6.68
CA UNK B 7 35.84 -2.96 -6.44
C UNK B 7 35.29 -3.55 -5.15
N UNK B 8 35.66 -4.80 -4.90
CA UNK B 8 35.37 -5.51 -3.66
C UNK B 8 36.23 -6.77 -3.66
N UNK B 9 36.69 -7.14 -2.47
CA UNK B 9 37.59 -8.28 -2.38
C UNK B 9 37.27 -9.16 -1.19
N UNK B 10 35.99 -9.41 -0.95
CA UNK B 10 35.57 -10.25 0.17
C UNK B 10 36.08 -11.68 0.01
N UNK C 1 21.02 10.99 -16.71
CA UNK C 1 21.38 9.78 -15.99
C UNK C 1 20.78 9.80 -14.59
N UNK C 2 20.28 8.66 -14.13
CA UNK C 2 19.64 8.58 -12.82
C UNK C 2 19.52 7.12 -12.40
N UNK C 3 19.85 6.84 -11.14
CA UNK C 3 19.56 5.55 -10.52
C UNK C 3 18.46 5.81 -9.49
N UNK C 4 17.21 5.77 -9.94
CA UNK C 4 16.07 6.15 -9.10
C UNK C 4 15.34 4.92 -8.59
N UNK C 5 14.51 5.14 -7.57
CA UNK C 5 13.65 4.09 -7.03
C UNK C 5 12.50 4.79 -6.30
N UNK C 6 11.31 4.78 -6.90
CA UNK C 6 10.21 5.59 -6.44
C UNK C 6 8.95 4.74 -6.25
N UNK C 7 8.38 4.79 -5.05
CA UNK C 7 7.10 4.14 -4.76
C UNK C 7 6.05 5.22 -4.56
N UNK C 8 5.37 5.59 -5.65
CA UNK C 8 4.40 6.68 -5.65
C UNK C 8 3.00 6.11 -5.57
N UNK C 9 2.24 6.49 -4.56
CA UNK C 9 0.86 6.05 -4.40
C UNK C 9 -0.10 7.24 -4.51
N LYS D 216 -27.88 -8.36 31.68
CA LYS D 216 -29.04 -8.07 30.85
C LYS D 216 -28.91 -6.73 30.14
N VAL D 217 -29.03 -6.74 28.81
CA VAL D 217 -29.00 -5.50 28.03
C VAL D 217 -30.22 -5.50 27.12
N GLN D 218 -30.70 -4.30 26.80
CA GLN D 218 -31.85 -4.13 25.93
C GLN D 218 -31.63 -2.89 25.08
N ILE D 219 -31.43 -3.08 23.78
CA ILE D 219 -31.14 -1.99 22.86
C ILE D 219 -32.19 -1.98 21.76
N ILE D 220 -32.49 -0.79 21.25
CA ILE D 220 -33.46 -0.61 20.19
C ILE D 220 -32.90 0.43 19.22
N ASN D 221 -32.48 -0.02 18.05
CA ASN D 221 -31.92 0.86 17.02
C ASN D 221 -32.95 1.01 15.91
N LYS D 222 -33.68 2.12 15.95
CA LYS D 222 -34.73 2.39 14.99
C LYS D 222 -34.41 3.65 14.19
N LYS D 223 -34.69 3.60 12.89
CA LYS D 223 -34.50 4.74 12.00
C LYS D 223 -33.11 5.38 12.07
N LEU D 224 -32.10 4.59 11.73
CA LEU D 224 -30.73 5.05 11.72
C LEU D 224 -30.35 5.33 10.27
N ASP D 225 -29.30 6.11 10.08
CA ASP D 225 -28.85 6.45 8.74
C ASP D 225 -27.32 6.43 8.68
N LEU D 226 -26.80 5.53 7.85
CA LEU D 226 -25.38 5.39 7.58
C LEU D 226 -25.44 5.20 6.06
N SER D 227 -25.32 6.29 5.31
CA SER D 227 -25.51 6.22 3.87
C SER D 227 -24.36 6.93 3.18
N ASN D 228 -23.71 6.25 2.25
CA ASN D 228 -22.64 6.83 1.46
C ASN D 228 -23.17 7.26 0.10
N VAL D 229 -22.93 8.52 -0.26
CA VAL D 229 -23.27 9.05 -1.58
C VAL D 229 -22.10 9.87 -2.07
N GLN D 230 -21.46 9.43 -3.15
CA GLN D 230 -20.32 10.14 -3.71
C GLN D 230 -20.51 10.37 -5.18
N SER D 231 -19.89 11.43 -5.70
CA SER D 231 -19.99 11.75 -7.12
C SER D 231 -18.70 11.44 -7.87
N LYS D 232 -17.60 12.07 -7.49
CA LYS D 232 -16.31 11.86 -8.17
C LYS D 232 -15.23 11.87 -7.09
N CYS D 233 -14.92 10.70 -6.54
CA CYS D 233 -14.04 10.66 -5.38
C CYS D 233 -13.15 9.44 -5.45
N GLY D 234 -11.84 9.66 -5.48
CA GLY D 234 -10.87 8.60 -5.29
C GLY D 234 -10.50 8.50 -3.83
N SER D 235 -10.39 7.27 -3.34
CA SER D 235 -10.18 7.06 -1.92
C SER D 235 -9.35 5.82 -1.69
N LYS D 236 -8.77 5.74 -0.48
CA LYS D 236 -8.11 4.56 0.06
C LYS D 236 -8.55 4.48 1.52
N ASP D 237 -9.64 3.76 1.77
CA ASP D 237 -10.27 3.78 3.07
C ASP D 237 -10.41 2.35 3.58
N ASN D 238 -9.88 2.09 4.78
CA ASN D 238 -9.83 0.73 5.27
C ASN D 238 -11.15 0.28 5.86
N ILE D 239 -11.60 0.91 6.93
CA ILE D 239 -12.82 0.52 7.62
C ILE D 239 -13.78 1.70 7.52
N LYS D 240 -14.68 1.65 6.54
CA LYS D 240 -15.41 2.83 6.12
C LYS D 240 -16.76 2.98 6.83
N HIS D 241 -17.65 2.01 6.64
CA HIS D 241 -19.00 2.09 7.20
C HIS D 241 -19.29 0.80 7.93
N VAL D 242 -19.36 0.86 9.25
CA VAL D 242 -19.57 -0.31 10.09
C VAL D 242 -20.65 0.02 11.11
N LEU D 243 -21.64 -0.86 11.20
CA LEU D 243 -22.74 -0.69 12.15
C LEU D 243 -22.90 -1.98 12.94
N GLY D 244 -22.87 -1.86 14.27
CA GLY D 244 -23.01 -3.00 15.16
C GLY D 244 -24.27 -2.87 15.98
N GLY D 245 -24.96 -3.99 16.16
CA GLY D 245 -26.19 -3.98 16.94
C GLY D 245 -25.97 -3.58 18.39
N GLY D 246 -24.98 -4.16 19.04
CA GLY D 246 -24.77 -3.91 20.45
C GLY D 246 -23.36 -3.51 20.84
N SER D 247 -22.39 -3.74 19.95
CA SER D 247 -21.01 -3.40 20.26
C SER D 247 -20.20 -3.43 18.97
N VAL D 248 -19.16 -2.61 18.94
CA VAL D 248 -18.24 -2.56 17.79
C VAL D 248 -16.81 -2.46 18.32
N GLN D 249 -16.07 -3.56 18.24
CA GLN D 249 -14.65 -3.56 18.60
C GLN D 249 -13.80 -3.53 17.35
N ILE D 250 -12.75 -2.71 17.38
CA ILE D 250 -11.85 -2.54 16.24
C ILE D 250 -10.43 -2.53 16.77
N VAL D 251 -9.60 -3.45 16.29
CA VAL D 251 -8.19 -3.49 16.63
C VAL D 251 -7.41 -3.25 15.34
N TYR D 252 -6.72 -2.12 15.26
CA TYR D 252 -6.06 -1.67 14.06
C TYR D 252 -4.56 -1.59 14.33
N LYS D 253 -3.84 -2.67 14.04
CA LYS D 253 -2.43 -2.79 14.35
C LYS D 253 -1.62 -3.22 13.13
N PRO D 254 -1.55 -2.36 12.10
CA PRO D 254 -0.74 -2.71 10.93
C PRO D 254 0.74 -2.46 11.17
N VAL D 255 1.54 -3.50 10.92
CA VAL D 255 2.99 -3.38 10.98
C VAL D 255 3.50 -3.01 9.59
N ASP D 256 4.69 -2.42 9.55
CA ASP D 256 5.24 -1.95 8.28
C ASP D 256 6.76 -1.94 8.38
N LEU D 257 7.41 -2.81 7.60
CA LEU D 257 8.87 -2.82 7.47
C LEU D 257 9.19 -2.79 5.99
N SER D 258 9.18 -1.59 5.41
CA SER D 258 9.41 -1.42 3.99
C SER D 258 10.70 -0.64 3.75
N LYS D 259 11.25 -0.81 2.55
CA LYS D 259 12.50 -0.17 2.18
C LYS D 259 12.41 0.38 0.77
N VAL D 260 12.91 1.59 0.57
CA VAL D 260 13.07 2.16 -0.77
C VAL D 260 14.52 2.63 -0.84
N THR D 261 15.39 1.75 -1.31
CA THR D 261 16.80 2.07 -1.36
C THR D 261 17.37 2.23 -2.75
N SER D 262 18.46 2.98 -2.80
CA SER D 262 19.19 3.23 -4.04
C SER D 262 20.68 3.30 -3.73
N LYS D 263 21.46 2.46 -4.38
CA LYS D 263 22.89 2.34 -4.09
C LYS D 263 23.67 2.46 -5.38
N CYS D 264 24.53 3.46 -5.47
CA CYS D 264 25.45 3.61 -6.57
C CYS D 264 26.86 3.75 -6.03
N GLY D 265 27.80 3.00 -6.60
CA GLY D 265 29.20 3.12 -6.24
C GLY D 265 29.95 3.85 -7.34
N SER D 266 30.60 4.95 -6.96
CA SER D 266 31.47 5.72 -7.84
C SER D 266 30.72 6.23 -9.08
N LEU D 267 29.77 7.12 -8.81
CA LEU D 267 29.11 7.86 -9.88
C LEU D 267 30.03 8.97 -10.39
N GLY D 268 29.93 9.25 -11.67
CA GLY D 268 30.76 10.28 -12.27
C GLY D 268 30.05 11.06 -13.36
N ASN D 269 30.08 12.38 -13.26
CA ASN D 269 29.44 13.26 -14.23
C ASN D 269 30.47 14.26 -14.72
N ILE D 270 30.58 14.40 -16.04
CA ILE D 270 31.60 15.24 -16.65
C ILE D 270 30.99 16.00 -17.80
N HIS D 271 31.24 17.31 -17.86
CA HIS D 271 30.83 18.12 -19.00
C HIS D 271 31.92 18.09 -20.05
N UNK E 1 43.67 12.83 -16.23
CA UNK E 1 42.70 13.76 -15.68
C UNK E 1 41.91 13.13 -14.53
N UNK E 2 40.59 13.20 -14.61
CA UNK E 2 39.75 12.76 -13.51
C UNK E 2 39.82 11.25 -13.33
N UNK E 3 39.63 10.82 -12.08
CA UNK E 3 39.64 9.40 -11.75
C UNK E 3 38.89 9.21 -10.44
N UNK E 4 37.70 8.65 -10.49
CA UNK E 4 36.90 8.35 -9.31
C UNK E 4 37.02 6.88 -8.97
N UNK E 5 37.06 6.56 -7.68
CA UNK E 5 37.24 5.18 -7.25
C UNK E 5 36.34 4.89 -6.05
N UNK E 6 36.30 3.62 -5.69
CA UNK E 6 35.61 3.14 -4.48
C UNK E 6 36.02 1.69 -4.28
N UNK E 7 36.31 1.32 -3.04
CA UNK E 7 36.88 0.00 -2.78
C UNK E 7 36.30 -0.56 -1.50
N UNK E 8 36.65 -1.83 -1.25
CA UNK E 8 36.32 -2.53 -0.01
C UNK E 8 37.16 -3.80 0.02
N UNK E 9 37.60 -4.17 1.22
CA UNK E 9 38.49 -5.33 1.33
C UNK E 9 38.12 -6.20 2.52
N UNK E 10 36.83 -6.42 2.74
CA UNK E 10 36.38 -7.26 3.85
C UNK E 10 36.88 -8.68 3.70
N UNK F 1 22.46 14.14 -13.37
CA UNK F 1 22.80 12.93 -12.63
C UNK F 1 22.17 12.97 -11.24
N UNK F 2 21.65 11.85 -10.79
CA UNK F 2 20.98 11.77 -9.49
C UNK F 2 20.83 10.32 -9.06
N UNK F 3 21.14 10.04 -7.80
CA UNK F 3 20.82 8.76 -7.18
C UNK F 3 19.71 9.03 -6.16
N UNK F 4 18.46 9.01 -6.63
CA UNK F 4 17.32 9.41 -5.82
C UNK F 4 16.56 8.20 -5.31
N UNK F 5 15.71 8.44 -4.31
CA UNK F 5 14.82 7.42 -3.78
C UNK F 5 13.68 8.13 -3.08
N UNK F 6 12.50 8.13 -3.69
CA UNK F 6 11.39 8.97 -3.25
C UNK F 6 10.14 8.14 -3.08
N UNK F 7 9.52 8.21 -1.90
CA UNK F 7 8.25 7.58 -1.62
C UNK F 7 7.21 8.67 -1.45
N UNK F 8 6.54 9.05 -2.55
CA UNK F 8 5.60 10.15 -2.56
C UNK F 8 4.18 9.60 -2.52
N UNK F 9 3.41 10.01 -1.51
CA UNK F 9 2.03 9.59 -1.39
C UNK F 9 1.09 10.79 -1.52
N LYS G 216 -28.45 -16.65 26.45
CA LYS G 216 -29.66 -16.40 25.67
C LYS G 216 -29.59 -15.04 24.97
N VAL G 217 -29.76 -15.05 23.65
CA VAL G 217 -29.79 -13.81 22.88
C VAL G 217 -31.04 -13.84 22.01
N GLN G 218 -31.57 -12.65 21.72
CA GLN G 218 -32.76 -12.52 20.88
C GLN G 218 -32.60 -11.26 20.04
N ILE G 219 -32.44 -11.44 18.73
CA ILE G 219 -32.22 -10.32 17.82
C ILE G 219 -33.30 -10.35 16.75
N ILE G 220 -33.65 -9.16 16.27
CA ILE G 220 -34.68 -9.00 15.24
C ILE G 220 -34.18 -7.94 14.26
N ASN G 221 -33.78 -8.36 13.07
CA ASN G 221 -33.28 -7.46 12.03
C ASN G 221 -34.36 -7.33 10.96
N LYS G 222 -35.13 -6.24 11.03
CA LYS G 222 -36.21 -6.00 10.10
C LYS G 222 -35.96 -4.73 9.32
N LYS G 223 -36.28 -4.77 8.02
CA LYS G 223 -36.15 -3.63 7.13
C LYS G 223 -34.80 -2.94 7.17
N LEU G 224 -33.78 -3.70 6.79
CA LEU G 224 -32.41 -3.19 6.73
C LEU G 224 -32.09 -2.90 5.27
N ASP G 225 -31.08 -2.08 5.05
CA ASP G 225 -30.68 -1.70 3.69
C ASP G 225 -29.16 -1.68 3.59
N LEU G 226 -28.64 -2.55 2.73
CA LEU G 226 -27.22 -2.64 2.40
C LEU G 226 -27.32 -2.82 0.90
N SER G 227 -27.27 -1.72 0.15
CA SER G 227 -27.50 -1.79 -1.28
C SER G 227 -26.41 -1.03 -2.01
N ASN G 228 -25.77 -1.69 -2.97
CA ASN G 228 -24.74 -1.06 -3.78
C ASN G 228 -25.33 -0.65 -5.12
N VAL G 229 -25.14 0.63 -5.48
CA VAL G 229 -25.55 1.15 -6.78
C VAL G 229 -24.41 2.02 -7.30
N GLN G 230 -23.80 1.61 -8.40
CA GLN G 230 -22.71 2.35 -8.99
C GLN G 230 -22.96 2.59 -10.47
N SER G 231 -22.38 3.67 -10.99
CA SER G 231 -22.54 4.00 -12.40
C SER G 231 -21.27 3.74 -13.20
N LYS G 232 -20.17 4.41 -12.85
CA LYS G 232 -18.92 4.23 -13.57
C LYS G 232 -17.80 4.27 -12.53
N CYS G 233 -17.43 3.12 -12.00
CA CYS G 233 -16.51 3.09 -10.87
C CYS G 233 -15.58 1.90 -10.99
N GLY G 234 -14.28 2.17 -11.06
CA GLY G 234 -13.27 1.13 -10.92
C GLY G 234 -12.85 1.04 -9.47
N SER G 235 -12.68 -0.19 -8.99
CA SER G 235 -12.43 -0.41 -7.57
C SER G 235 -11.54 -1.62 -7.39
N LYS G 236 -10.92 -1.69 -6.20
CA LYS G 236 -10.20 -2.86 -5.70
C LYS G 236 -10.58 -2.96 -4.22
N ASP G 237 -11.65 -3.72 -3.94
CA ASP G 237 -12.24 -3.73 -2.61
C ASP G 237 -12.31 -5.16 -2.11
N ASN G 238 -11.73 -5.41 -0.94
CA ASN G 238 -11.61 -6.79 -0.47
C ASN G 238 -12.91 -7.28 0.17
N ILE G 239 -13.33 -6.66 1.26
CA ILE G 239 -14.52 -7.10 2.00
C ILE G 239 -15.52 -5.95 1.92
N LYS G 240 -16.45 -6.03 0.97
CA LYS G 240 -17.24 -4.87 0.59
C LYS G 240 -18.56 -4.77 1.34
N HIS G 241 -19.43 -5.76 1.18
CA HIS G 241 -20.76 -5.74 1.78
C HIS G 241 -20.98 -7.05 2.52
N VAL G 242 -21.00 -6.99 3.84
CA VAL G 242 -21.16 -8.17 4.67
C VAL G 242 -22.20 -7.89 5.73
N LEU G 243 -23.17 -8.80 5.85
CA LEU G 243 -24.23 -8.67 6.83
C LEU G 243 -24.33 -9.97 7.62
N GLY G 244 -24.26 -9.86 8.95
CA GLY G 244 -24.33 -11.01 9.84
C GLY G 244 -25.57 -10.93 10.70
N GLY G 245 -26.21 -12.07 10.90
CA GLY G 245 -27.40 -12.11 11.72
C GLY G 245 -27.16 -11.71 13.15
N GLY G 246 -26.12 -12.27 13.77
CA GLY G 246 -25.88 -12.03 15.18
C GLY G 246 -24.47 -11.58 15.51
N SER G 247 -23.52 -11.77 14.60
CA SER G 247 -22.14 -11.39 14.85
C SER G 247 -21.37 -11.40 13.54
N VAL G 248 -20.36 -10.53 13.47
CA VAL G 248 -19.48 -10.44 12.31
C VAL G 248 -18.04 -10.31 12.78
N GLN G 249 -17.27 -11.37 12.67
CA GLN G 249 -15.85 -11.33 12.99
C GLN G 249 -15.04 -11.25 11.71
N ILE G 250 -14.01 -10.40 11.71
CA ILE G 250 -13.16 -10.20 10.54
C ILE G 250 -11.73 -10.14 11.02
N VAL G 251 -10.89 -11.04 10.51
CA VAL G 251 -9.46 -11.04 10.80
C VAL G 251 -8.74 -10.76 9.49
N TYR G 252 -8.08 -9.61 9.40
CA TYR G 252 -7.49 -9.12 8.16
C TYR G 252 -5.98 -9.00 8.40
N LYS G 253 -5.23 -10.05 8.06
CA LYS G 253 -3.80 -10.13 8.33
C LYS G 253 -3.03 -10.52 7.07
N PRO G 254 -3.01 -9.66 6.05
CA PRO G 254 -2.24 -9.98 4.86
C PRO G 254 -0.76 -9.68 5.04
N VAL G 255 0.06 -10.69 4.75
CA VAL G 255 1.51 -10.52 4.77
C VAL G 255 1.96 -10.12 3.37
N ASP G 256 3.13 -9.49 3.29
CA ASP G 256 3.62 -8.99 2.01
C ASP G 256 5.14 -8.94 2.05
N LEU G 257 5.79 -9.78 1.24
CA LEU G 257 7.24 -9.74 1.07
C LEU G 257 7.51 -9.69 -0.43
N SER G 258 7.45 -8.48 -0.99
CA SER G 258 7.62 -8.29 -2.42
C SER G 258 8.88 -7.48 -2.70
N LYS G 259 9.39 -7.61 -3.91
CA LYS G 259 10.60 -6.93 -4.31
C LYS G 259 10.45 -6.38 -5.72
N VAL G 260 10.90 -5.15 -5.92
CA VAL G 260 11.00 -4.56 -7.25
C VAL G 260 12.43 -4.05 -7.37
N THR G 261 13.31 -4.89 -7.89
CA THR G 261 14.71 -4.53 -7.98
C THR G 261 15.24 -4.34 -9.39
N SER G 262 16.29 -3.54 -9.47
CA SER G 262 16.97 -3.27 -10.73
C SER G 262 18.46 -3.15 -10.46
N LYS G 263 19.26 -3.96 -11.15
CA LYS G 263 20.69 -4.04 -10.92
C LYS G 263 21.43 -3.89 -12.23
N CYS G 264 22.25 -2.85 -12.33
CA CYS G 264 23.13 -2.66 -13.47
C CYS G 264 24.55 -2.48 -12.97
N GLY G 265 25.48 -3.19 -13.58
CA GLY G 265 26.89 -3.04 -13.28
C GLY G 265 27.59 -2.27 -14.39
N SER G 266 28.22 -1.16 -14.01
CA SER G 266 29.03 -0.35 -14.93
C SER G 266 28.21 0.14 -16.13
N LEU G 267 27.26 1.00 -15.82
CA LEU G 267 26.53 1.73 -16.86
C LEU G 267 27.40 2.86 -17.39
N GLY G 268 27.24 3.16 -18.67
CA GLY G 268 28.02 4.22 -19.29
C GLY G 268 27.25 4.98 -20.34
N ASN G 269 27.24 6.31 -20.23
CA ASN G 269 26.54 7.17 -21.18
C ASN G 269 27.51 8.21 -21.69
N ILE G 270 27.59 8.36 -23.01
CA ILE G 270 28.55 9.23 -23.64
C ILE G 270 27.87 9.99 -24.77
N HIS G 271 28.08 11.30 -24.81
CA HIS G 271 27.61 12.09 -25.95
C HIS G 271 28.67 12.13 -27.04
N UNK H 1 40.71 7.21 -23.65
CA UNK H 1 39.72 8.11 -23.06
C UNK H 1 38.99 7.43 -21.90
N UNK H 2 37.67 7.47 -21.94
CA UNK H 2 36.88 6.99 -20.80
C UNK H 2 37.01 5.49 -20.64
N UNK H 3 36.88 5.04 -19.39
CA UNK H 3 36.94 3.62 -19.08
C UNK H 3 36.24 3.39 -17.74
N UNK H 4 35.06 2.79 -17.76
CA UNK H 4 34.31 2.46 -16.55
C UNK H 4 34.50 0.99 -16.23
N UNK H 5 34.59 0.66 -14.94
CA UNK H 5 34.82 -0.71 -14.53
C UNK H 5 33.99 -1.03 -13.30
N UNK H 6 33.98 -2.31 -12.95
CA UNK H 6 33.35 -2.82 -11.74
C UNK H 6 33.83 -4.26 -11.56
N UNK H 7 34.17 -4.64 -10.33
CA UNK H 7 34.79 -5.94 -10.10
C UNK H 7 34.27 -6.54 -8.80
N UNK H 8 34.66 -7.78 -8.58
CA UNK H 8 34.41 -8.50 -7.33
C UNK H 8 35.29 -9.74 -7.35
N UNK H 9 35.78 -10.11 -6.16
CA UNK H 9 36.70 -11.24 -6.10
C UNK H 9 36.41 -12.13 -4.90
N UNK H 10 35.13 -12.39 -4.64
CA UNK H 10 34.75 -13.25 -3.53
C UNK H 10 35.29 -14.67 -3.69
N UNK I 1 19.58 7.81 -20.07
CA UNK I 1 19.97 6.61 -19.34
C UNK I 1 19.39 6.62 -17.94
N UNK I 2 18.92 5.47 -17.49
CA UNK I 2 18.30 5.38 -16.16
C UNK I 2 18.21 3.92 -15.74
N UNK I 3 18.57 3.63 -14.49
CA UNK I 3 18.31 2.34 -13.87
C UNK I 3 17.22 2.56 -12.82
N UNK I 4 15.96 2.51 -13.24
CA UNK I 4 14.84 2.86 -12.40
C UNK I 4 14.14 1.62 -11.87
N UNK I 5 13.32 1.84 -10.84
CA UNK I 5 12.48 0.77 -10.28
C UNK I 5 11.33 1.44 -9.54
N UNK I 6 10.14 1.41 -10.11
CA UNK I 6 9.03 2.21 -9.63
C UNK I 6 7.80 1.34 -9.43
N UNK I 7 7.23 1.38 -8.22
CA UNK I 7 5.98 0.70 -7.90
C UNK I 7 4.91 1.76 -7.69
N UNK I 8 4.21 2.13 -8.75
CA UNK I 8 3.22 3.20 -8.73
C UNK I 8 1.82 2.59 -8.64
N UNK I 9 1.08 2.97 -7.60
CA UNK I 9 -0.29 2.52 -7.44
C UNK I 9 -1.27 3.68 -7.52
#